data_2OM5
#
_entry.id   2OM5
#
_cell.length_a   46.804
_cell.length_b   106.916
_cell.length_c   161.366
_cell.angle_alpha   90.00
_cell.angle_beta   90.00
_cell.angle_gamma   90.00
#
_symmetry.space_group_name_H-M   'C 2 2 21'
#
_entity_poly.entity_id   1
_entity_poly.type   'polypeptide(L)'
_entity_poly.pdbx_seq_one_letter_code
;TFGPVFEDQPLSVLFPEESTEEQVLLACRARASPPATYRWKMNGTEMKLEPGSRHQLVGGNLVIMNPTKAQDAGVYQCLA
SNPVGTVVSREAILRFGFLQEFSKEERDPVKAHEGWGVMLPCNPPAHYPGLSYRWLLNEFPNFIPTDGRHFVSQTTGNLY
IARTNASDLGNYSCLATSHMDFSTKSVFSKFAQLNLAAEDTRLFAPSIKARFPAETYALVGQQVTLECFAFGNPVPRIKW
RKVDGSLSPQWTTAEPTLQIPSVSFEDEGTYECEAENSKGRDTVQGRIIVQAQPEWLKVISDTEADIGSNLRWGCAAAGK
PRPTVRWLRNGEPLASQNRVEVLAGDLRFSKLSLEDSGMYQCVAENKHGTIYASAELAVQA
;
_entity_poly.pdbx_strand_id   A
#
# COMPACT_ATOMS: atom_id res chain seq x y z
N THR A 1 41.67 2.59 -1.21
CA THR A 1 40.61 1.60 -0.86
C THR A 1 39.48 2.25 -0.07
N PHE A 2 38.30 1.63 -0.10
CA PHE A 2 37.06 2.25 0.42
C PHE A 2 35.98 1.24 0.82
N GLY A 3 34.96 1.71 1.51
CA GLY A 3 33.85 0.86 1.97
C GLY A 3 32.70 0.82 0.99
N PRO A 4 31.69 -0.05 1.26
CA PRO A 4 30.68 -0.42 0.26
C PRO A 4 29.78 0.72 -0.15
N VAL A 5 29.63 0.90 -1.45
CA VAL A 5 28.69 1.89 -2.00
C VAL A 5 27.67 1.14 -2.85
N PHE A 6 26.39 1.24 -2.49
CA PHE A 6 25.33 0.49 -3.16
C PHE A 6 25.14 0.92 -4.62
N GLU A 7 25.19 -0.04 -5.53
CA GLU A 7 24.98 0.24 -6.95
C GLU A 7 23.59 -0.18 -7.43
N ASP A 8 23.01 -1.13 -6.72
CA ASP A 8 21.58 -1.46 -6.85
C ASP A 8 21.10 -2.20 -5.62
N GLN A 9 19.82 -1.99 -5.30
CA GLN A 9 19.18 -2.42 -4.06
C GLN A 9 17.86 -3.12 -4.38
N PRO A 10 17.37 -3.99 -3.48
CA PRO A 10 16.12 -4.69 -3.71
C PRO A 10 14.89 -3.78 -3.69
N LEU A 11 14.06 -3.89 -4.72
CA LEU A 11 12.77 -3.20 -4.74
C LEU A 11 11.62 -4.18 -4.55
N SER A 12 10.57 -3.70 -3.88
CA SER A 12 9.41 -4.52 -3.56
C SER A 12 8.88 -5.21 -4.80
N VAL A 13 8.44 -6.45 -4.63
CA VAL A 13 8.03 -7.29 -5.75
C VAL A 13 6.68 -7.93 -5.49
N LEU A 14 5.79 -7.86 -6.48
CA LEU A 14 4.51 -8.55 -6.44
C LEU A 14 4.56 -9.77 -7.35
N PHE A 15 5.01 -10.89 -6.80
CA PHE A 15 5.13 -12.14 -7.54
C PHE A 15 3.74 -12.72 -7.73
N PRO A 16 3.28 -12.85 -8.99
CA PRO A 16 1.95 -13.43 -9.17
C PRO A 16 1.92 -14.93 -8.93
N GLU A 17 1.06 -15.36 -8.02
CA GLU A 17 0.73 -16.76 -7.85
C GLU A 17 0.35 -17.26 -9.23
N GLU A 18 0.91 -18.41 -9.61
CA GLU A 18 0.87 -18.90 -11.00
C GLU A 18 2.29 -18.75 -11.54
N SER A 19 2.45 -18.03 -12.64
CA SER A 19 3.78 -17.70 -13.18
C SER A 19 4.57 -18.87 -13.76
N THR A 20 5.41 -18.57 -14.74
CA THR A 20 6.25 -19.57 -15.37
C THR A 20 7.55 -19.68 -14.59
N GLU A 21 8.06 -18.54 -14.15
CA GLU A 21 9.32 -18.47 -13.40
C GLU A 21 9.18 -19.25 -12.10
N GLU A 22 10.14 -20.14 -11.85
CA GLU A 22 10.12 -20.99 -10.65
C GLU A 22 11.02 -20.39 -9.58
N GLN A 23 11.31 -19.10 -9.72
CA GLN A 23 12.22 -18.38 -8.83
C GLN A 23 11.87 -16.91 -8.80
N VAL A 24 12.47 -16.18 -7.87
CA VAL A 24 12.29 -14.72 -7.76
C VAL A 24 13.57 -14.06 -7.27
N LEU A 25 14.02 -13.06 -8.01
CA LEU A 25 15.26 -12.37 -7.70
C LEU A 25 15.01 -11.19 -6.78
N LEU A 26 15.95 -10.94 -5.88
CA LEU A 26 16.02 -9.68 -5.17
C LEU A 26 17.43 -9.13 -5.32
N ALA A 27 17.56 -8.14 -6.20
CA ALA A 27 18.84 -7.56 -6.58
C ALA A 27 19.58 -6.88 -5.43
N CYS A 28 20.90 -6.93 -5.48
CA CYS A 28 21.75 -6.20 -4.53
C CYS A 28 23.20 -6.24 -4.94
N ARG A 29 23.81 -5.07 -5.08
CA ARG A 29 25.26 -4.99 -5.32
C ARG A 29 25.89 -3.71 -4.77
N ALA A 30 27.18 -3.80 -4.44
CA ALA A 30 27.94 -2.68 -3.90
C ALA A 30 29.41 -2.71 -4.31
N ARG A 31 29.90 -1.58 -4.83
CA ARG A 31 31.33 -1.40 -5.14
C ARG A 31 32.12 -1.10 -3.86
N ALA A 32 33.19 -1.86 -3.63
CA ALA A 32 34.03 -1.70 -2.45
C ALA A 32 35.43 -2.29 -2.65
N SER A 33 36.39 -1.79 -1.89
CA SER A 33 37.76 -2.29 -1.98
C SER A 33 38.34 -2.57 -0.60
N PRO A 34 38.62 -3.85 -0.30
CA PRO A 34 38.47 -5.02 -1.17
C PRO A 34 36.99 -5.34 -1.49
N PRO A 35 36.75 -6.17 -2.54
CA PRO A 35 35.41 -6.63 -2.93
C PRO A 35 34.49 -6.96 -1.76
N ALA A 36 33.23 -6.52 -1.88
CA ALA A 36 32.27 -6.60 -0.80
C ALA A 36 31.57 -7.95 -0.70
N THR A 37 31.44 -8.45 0.52
CA THR A 37 30.68 -9.66 0.79
C THR A 37 29.25 -9.27 1.15
N TYR A 38 28.32 -10.20 0.98
CA TYR A 38 26.90 -9.92 1.17
C TYR A 38 26.20 -10.85 2.17
N ARG A 39 25.18 -10.31 2.82
CA ARG A 39 24.34 -11.05 3.75
C ARG A 39 22.90 -10.55 3.59
N TRP A 40 21.93 -11.35 4.04
CA TRP A 40 20.51 -11.00 3.90
C TRP A 40 19.70 -11.16 5.18
N LYS A 41 18.66 -10.34 5.30
CA LYS A 41 17.76 -10.40 6.45
C LYS A 41 16.30 -10.50 6.00
N MET A 42 15.57 -11.42 6.62
CA MET A 42 14.14 -11.54 6.38
C MET A 42 13.34 -11.22 7.63
N ASN A 43 12.41 -10.29 7.52
CA ASN A 43 11.55 -9.86 8.62
C ASN A 43 12.31 -9.52 9.92
N GLY A 44 13.60 -9.21 9.79
CA GLY A 44 14.45 -8.91 10.94
C GLY A 44 15.39 -10.03 11.35
N THR A 45 15.10 -11.25 10.91
CA THR A 45 15.97 -12.40 11.16
C THR A 45 16.97 -12.56 10.02
N GLU A 46 18.19 -13.00 10.35
CA GLU A 46 19.22 -13.19 9.33
C GLU A 46 18.99 -14.47 8.53
N MET A 47 19.53 -14.50 7.32
CA MET A 47 19.27 -15.60 6.37
C MET A 47 20.40 -16.60 6.29
N LYS A 48 20.03 -17.88 6.30
CA LYS A 48 20.96 -18.96 6.06
C LYS A 48 20.90 -19.21 4.56
N LEU A 49 22.03 -19.12 3.89
CA LEU A 49 22.04 -19.21 2.42
C LEU A 49 22.78 -20.43 1.85
N GLU A 50 23.58 -21.09 2.69
CA GLU A 50 24.18 -22.43 2.49
C GLU A 50 24.32 -23.09 1.08
N PRO A 51 25.22 -24.10 0.95
CA PRO A 51 25.38 -24.92 -0.27
C PRO A 51 24.09 -25.44 -0.95
N GLY A 52 23.70 -26.69 -0.67
CA GLY A 52 22.53 -27.31 -1.30
C GLY A 52 21.22 -26.72 -0.80
N SER A 53 20.99 -25.45 -1.14
CA SER A 53 19.97 -24.61 -0.52
C SER A 53 18.88 -24.13 -1.48
N ARG A 54 17.80 -23.63 -0.88
CA ARG A 54 16.63 -23.14 -1.59
C ARG A 54 16.58 -21.61 -1.57
N HIS A 55 17.27 -21.02 -0.61
CA HIS A 55 17.47 -19.57 -0.56
C HIS A 55 18.90 -19.29 -1.03
N GLN A 56 19.04 -18.93 -2.30
CA GLN A 56 20.35 -18.91 -2.93
C GLN A 56 20.95 -17.51 -3.05
N LEU A 57 22.22 -17.39 -2.68
CA LEU A 57 22.98 -16.16 -2.89
C LEU A 57 23.73 -16.28 -4.21
N VAL A 58 23.52 -15.32 -5.11
CA VAL A 58 24.24 -15.28 -6.37
C VAL A 58 24.97 -13.95 -6.46
N GLY A 59 26.15 -13.89 -5.85
CA GLY A 59 26.95 -12.68 -5.75
C GLY A 59 26.16 -11.44 -5.39
N GLY A 60 25.75 -11.34 -4.13
CA GLY A 60 24.89 -10.22 -3.70
C GLY A 60 23.41 -10.40 -3.94
N ASN A 61 23.06 -11.07 -5.04
CA ASN A 61 21.68 -11.30 -5.41
C ASN A 61 21.02 -12.47 -4.68
N LEU A 62 19.86 -12.21 -4.09
CA LEU A 62 19.09 -13.23 -3.42
C LEU A 62 18.10 -13.82 -4.40
N VAL A 63 18.11 -15.13 -4.52
CA VAL A 63 17.23 -15.83 -5.44
C VAL A 63 16.54 -16.90 -4.62
N ILE A 64 15.21 -16.81 -4.54
CA ILE A 64 14.44 -17.77 -3.76
C ILE A 64 13.76 -18.77 -4.68
N MET A 65 14.08 -20.04 -4.50
CA MET A 65 13.51 -21.10 -5.33
C MET A 65 12.07 -21.42 -4.95
N ASN A 66 11.21 -21.54 -5.96
CA ASN A 66 9.80 -21.87 -5.76
C ASN A 66 9.16 -21.15 -4.56
N PRO A 67 8.84 -19.86 -4.73
CA PRO A 67 8.32 -19.02 -3.66
C PRO A 67 6.85 -19.27 -3.38
N THR A 68 6.45 -19.13 -2.11
CA THR A 68 5.06 -19.32 -1.67
C THR A 68 4.69 -18.31 -0.60
N LYS A 69 3.46 -17.79 -0.68
CA LYS A 69 2.90 -16.91 0.35
C LYS A 69 3.17 -17.46 1.74
N ALA A 70 2.84 -18.74 1.93
CA ALA A 70 2.92 -19.40 3.23
C ALA A 70 4.33 -19.50 3.81
N GLN A 71 5.34 -19.27 2.97
CA GLN A 71 6.73 -19.48 3.37
C GLN A 71 7.67 -18.30 3.12
N ASP A 72 7.32 -17.45 2.16
CA ASP A 72 8.28 -16.49 1.63
C ASP A 72 7.84 -15.03 1.70
N ALA A 73 6.55 -14.79 1.86
CA ALA A 73 6.03 -13.43 1.99
C ALA A 73 6.71 -12.74 3.15
N GLY A 74 7.12 -11.49 2.95
CA GLY A 74 7.75 -10.71 4.01
C GLY A 74 8.68 -9.61 3.55
N VAL A 75 9.53 -9.18 4.48
CA VAL A 75 10.41 -8.02 4.33
C VAL A 75 11.85 -8.48 4.23
N TYR A 76 12.51 -8.13 3.14
CA TYR A 76 13.89 -8.52 2.93
C TYR A 76 14.80 -7.31 2.88
N GLN A 77 16.06 -7.51 3.29
CA GLN A 77 17.04 -6.44 3.36
C GLN A 77 18.43 -7.00 3.10
N CYS A 78 19.18 -6.31 2.25
CA CYS A 78 20.54 -6.71 1.90
C CYS A 78 21.56 -6.04 2.82
N LEU A 79 22.65 -6.75 3.10
CA LEU A 79 23.73 -6.21 3.94
C LEU A 79 25.08 -6.32 3.24
N ALA A 80 25.67 -5.18 2.93
CA ALA A 80 26.91 -5.15 2.16
C ALA A 80 28.05 -4.68 3.02
N SER A 81 29.01 -5.57 3.27
CA SER A 81 30.17 -5.21 4.10
C SER A 81 31.49 -5.67 3.53
N ASN A 82 32.55 -5.03 4.02
CA ASN A 82 33.94 -5.39 3.75
C ASN A 82 34.78 -4.88 4.92
N PRO A 83 36.08 -5.24 4.98
CA PRO A 83 36.97 -4.75 6.04
C PRO A 83 36.66 -3.35 6.60
N VAL A 84 36.18 -2.44 5.76
CA VAL A 84 35.86 -1.07 6.18
C VAL A 84 34.57 -1.00 7.00
N GLY A 85 33.54 -1.73 6.59
CA GLY A 85 32.28 -1.78 7.34
C GLY A 85 31.05 -2.22 6.55
N THR A 86 29.90 -2.20 7.21
CA THR A 86 28.64 -2.63 6.62
C THR A 86 27.74 -1.43 6.26
N VAL A 87 26.94 -1.60 5.22
CA VAL A 87 25.80 -0.74 4.96
C VAL A 87 24.57 -1.60 4.65
N VAL A 88 23.37 -1.05 4.84
CA VAL A 88 22.15 -1.80 4.63
C VAL A 88 21.25 -1.17 3.57
N SER A 89 20.67 -2.01 2.72
CA SER A 89 19.81 -1.58 1.62
C SER A 89 18.43 -1.17 2.13
N ARG A 90 17.62 -0.59 1.24
CA ARG A 90 16.21 -0.34 1.53
C ARG A 90 15.55 -1.69 1.74
N GLU A 91 14.46 -1.70 2.50
CA GLU A 91 13.64 -2.89 2.64
C GLU A 91 12.80 -3.08 1.38
N ALA A 92 12.68 -4.32 0.94
CA ALA A 92 11.80 -4.65 -0.17
C ALA A 92 10.75 -5.62 0.31
N ILE A 93 9.49 -5.35 -0.03
CA ILE A 93 8.39 -6.21 0.36
C ILE A 93 8.05 -7.23 -0.72
N LEU A 94 8.10 -8.52 -0.37
CA LEU A 94 7.72 -9.58 -1.29
C LEU A 94 6.29 -10.02 -1.03
N ARG A 95 5.40 -9.69 -1.94
CA ARG A 95 3.98 -10.04 -1.83
C ARG A 95 3.55 -10.94 -2.99
N PHE A 96 2.47 -11.69 -2.79
CA PHE A 96 1.99 -12.65 -3.78
C PHE A 96 0.63 -12.27 -4.34
N GLY A 97 0.57 -12.14 -5.67
CA GLY A 97 -0.65 -11.73 -6.36
C GLY A 97 -1.52 -12.88 -6.84
N PHE A 98 -2.71 -12.99 -6.26
CA PHE A 98 -3.62 -14.08 -6.59
C PHE A 98 -5.07 -13.61 -6.75
N LEU A 99 -5.86 -14.41 -7.47
CA LEU A 99 -7.32 -14.27 -7.51
C LEU A 99 -7.98 -15.63 -7.70
N GLN A 100 -8.78 -16.04 -6.70
CA GLN A 100 -9.57 -17.28 -6.77
C GLN A 100 -10.84 -17.05 -7.59
N GLU A 101 -11.55 -18.12 -7.91
CA GLU A 101 -12.86 -17.97 -8.56
C GLU A 101 -13.95 -18.00 -7.50
N PHE A 102 -15.14 -17.49 -7.84
CA PHE A 102 -16.29 -17.55 -6.95
C PHE A 102 -16.63 -19.00 -6.66
N SER A 103 -17.38 -19.24 -5.59
CA SER A 103 -17.80 -20.59 -5.25
C SER A 103 -18.81 -21.10 -6.27
N LYS A 104 -18.70 -22.37 -6.64
CA LYS A 104 -19.68 -22.99 -7.52
C LYS A 104 -20.98 -23.22 -6.76
N GLU A 105 -20.97 -22.90 -5.45
CA GLU A 105 -22.17 -22.94 -4.61
C GLU A 105 -23.08 -21.75 -4.93
N GLU A 106 -24.36 -22.04 -5.12
CA GLU A 106 -25.36 -21.05 -5.57
C GLU A 106 -25.58 -19.90 -4.60
N ARG A 107 -26.03 -18.78 -5.13
CA ARG A 107 -26.17 -17.55 -4.34
C ARG A 107 -27.42 -17.54 -3.47
N ASP A 108 -27.33 -16.84 -2.35
CA ASP A 108 -28.47 -16.64 -1.45
C ASP A 108 -29.52 -15.77 -2.16
N PRO A 109 -30.78 -16.21 -2.15
CA PRO A 109 -31.82 -15.37 -2.74
C PRO A 109 -31.87 -14.03 -2.04
N VAL A 110 -32.00 -12.96 -2.82
CA VAL A 110 -32.17 -11.61 -2.27
C VAL A 110 -33.46 -11.00 -2.81
N LYS A 111 -34.52 -11.15 -2.02
CA LYS A 111 -35.87 -10.70 -2.39
C LYS A 111 -36.21 -9.37 -1.73
N ALA A 112 -36.70 -8.42 -2.53
CA ALA A 112 -37.19 -7.14 -2.03
C ALA A 112 -38.56 -6.78 -2.60
N HIS A 113 -38.95 -5.52 -2.45
CA HIS A 113 -40.21 -5.01 -2.98
C HIS A 113 -39.93 -3.97 -4.06
N GLU A 114 -40.90 -3.76 -4.95
CA GLU A 114 -40.75 -2.74 -5.98
C GLU A 114 -40.86 -1.36 -5.34
N GLY A 115 -39.91 -0.49 -5.65
CA GLY A 115 -39.84 0.84 -5.05
C GLY A 115 -38.89 0.90 -3.85
N TRP A 116 -38.82 -0.21 -3.12
CA TRP A 116 -37.84 -0.42 -2.06
C TRP A 116 -36.42 -0.32 -2.59
N GLY A 117 -35.50 0.19 -1.78
CA GLY A 117 -34.08 0.13 -2.10
C GLY A 117 -33.53 -1.25 -1.72
N VAL A 118 -32.59 -1.76 -2.51
CA VAL A 118 -32.01 -3.09 -2.24
C VAL A 118 -30.51 -3.18 -2.56
N MET A 119 -29.77 -3.84 -1.68
CA MET A 119 -28.35 -4.11 -1.90
C MET A 119 -28.10 -5.58 -2.19
N LEU A 120 -27.29 -5.83 -3.22
CA LEU A 120 -26.90 -7.18 -3.60
C LEU A 120 -25.43 -7.41 -3.29
N PRO A 121 -25.12 -8.40 -2.43
CA PRO A 121 -23.74 -8.55 -1.98
C PRO A 121 -22.88 -9.25 -3.03
N CYS A 122 -21.67 -8.74 -3.24
CA CYS A 122 -20.72 -9.43 -4.11
C CYS A 122 -20.19 -10.65 -3.37
N ASN A 123 -19.58 -10.40 -2.22
CA ASN A 123 -18.93 -11.44 -1.41
C ASN A 123 -17.93 -12.24 -2.25
N PRO A 124 -16.80 -11.60 -2.62
CA PRO A 124 -15.87 -12.06 -3.65
C PRO A 124 -14.83 -13.06 -3.14
N PRO A 125 -14.20 -13.80 -4.07
CA PRO A 125 -13.15 -14.79 -3.77
C PRO A 125 -11.89 -14.16 -3.19
N ALA A 126 -11.03 -14.99 -2.59
CA ALA A 126 -9.77 -14.53 -1.99
C ALA A 126 -8.88 -13.90 -3.07
N HIS A 127 -8.28 -12.75 -2.74
CA HIS A 127 -7.60 -11.94 -3.74
C HIS A 127 -6.47 -11.07 -3.18
N TYR A 128 -5.49 -10.76 -4.00
CA TYR A 128 -4.51 -9.71 -3.72
C TYR A 128 -3.81 -9.26 -5.00
N PRO A 129 -3.75 -7.95 -5.26
CA PRO A 129 -4.31 -6.86 -4.46
C PRO A 129 -5.74 -6.51 -4.88
N GLY A 130 -6.20 -5.33 -4.47
CA GLY A 130 -7.57 -4.86 -4.70
C GLY A 130 -8.12 -5.00 -6.11
N LEU A 131 -9.44 -5.03 -6.22
CA LEU A 131 -10.12 -5.37 -7.48
C LEU A 131 -11.05 -4.28 -8.00
N SER A 132 -11.33 -4.34 -9.31
CA SER A 132 -12.43 -3.60 -9.91
C SER A 132 -13.70 -4.42 -9.74
N TYR A 133 -14.84 -3.76 -9.73
CA TYR A 133 -16.11 -4.47 -9.65
C TYR A 133 -17.13 -3.95 -10.63
N ARG A 134 -17.67 -4.88 -11.42
CA ARG A 134 -18.82 -4.63 -12.30
C ARG A 134 -19.84 -5.72 -12.02
N TRP A 135 -21.11 -5.46 -12.31
CA TRP A 135 -22.15 -6.48 -12.17
C TRP A 135 -22.76 -6.83 -13.52
N LEU A 136 -23.32 -8.03 -13.62
CA LEU A 136 -23.82 -8.57 -14.87
C LEU A 136 -25.27 -9.02 -14.79
N LEU A 137 -26.06 -8.60 -15.77
CA LEU A 137 -27.46 -9.00 -15.88
C LEU A 137 -27.61 -10.25 -16.75
N ASN A 138 -28.08 -11.34 -16.14
CA ASN A 138 -28.39 -12.62 -16.81
C ASN A 138 -27.20 -13.40 -17.39
N GLU A 139 -26.39 -12.71 -18.19
CA GLU A 139 -25.36 -13.35 -19.00
C GLU A 139 -24.08 -12.52 -19.05
N PHE A 140 -23.12 -12.97 -19.85
CA PHE A 140 -21.88 -12.26 -20.06
C PHE A 140 -21.73 -11.92 -21.54
N PRO A 141 -21.24 -10.70 -21.85
CA PRO A 141 -20.94 -9.58 -20.97
C PRO A 141 -22.04 -8.51 -20.95
N ASN A 142 -23.18 -8.84 -20.34
CA ASN A 142 -24.32 -7.92 -20.27
C ASN A 142 -24.28 -7.05 -19.01
N PHE A 143 -23.51 -5.97 -19.05
CA PHE A 143 -23.22 -5.12 -17.87
C PHE A 143 -24.35 -4.22 -17.41
N ILE A 144 -24.45 -4.04 -16.10
CA ILE A 144 -25.32 -3.01 -15.52
C ILE A 144 -24.63 -1.66 -15.68
N PRO A 145 -25.34 -0.66 -16.25
CA PRO A 145 -24.71 0.66 -16.31
C PRO A 145 -24.91 1.44 -15.00
N THR A 146 -23.84 2.08 -14.52
CA THR A 146 -23.94 2.97 -13.35
C THR A 146 -24.51 4.32 -13.78
N ASP A 147 -25.73 4.61 -13.32
CA ASP A 147 -26.48 5.77 -13.80
C ASP A 147 -27.09 6.64 -12.69
N GLY A 148 -27.27 6.09 -11.50
CA GLY A 148 -27.93 6.82 -10.43
C GLY A 148 -29.04 6.02 -9.76
N ARG A 149 -29.66 5.12 -10.51
CA ARG A 149 -30.55 4.11 -9.94
C ARG A 149 -29.74 2.89 -9.55
N HIS A 150 -28.49 2.86 -10.01
CA HIS A 150 -27.57 1.75 -9.76
C HIS A 150 -26.21 2.25 -9.27
N PHE A 151 -25.61 1.47 -8.38
CA PHE A 151 -24.26 1.76 -7.89
C PHE A 151 -23.53 0.50 -7.45
N VAL A 152 -22.31 0.36 -7.97
CA VAL A 152 -21.42 -0.71 -7.56
C VAL A 152 -20.29 -0.08 -6.75
N SER A 153 -20.15 -0.51 -5.51
CA SER A 153 -19.04 -0.09 -4.64
C SER A 153 -17.72 -0.67 -5.13
N GLN A 154 -16.63 0.08 -4.96
CA GLN A 154 -15.30 -0.45 -5.28
C GLN A 154 -14.53 -0.89 -4.03
N THR A 155 -15.22 -0.89 -2.89
CA THR A 155 -14.70 -1.50 -1.68
C THR A 155 -15.27 -2.92 -1.55
N THR A 156 -16.56 -3.02 -1.27
CA THR A 156 -17.21 -4.30 -1.09
C THR A 156 -17.62 -4.93 -2.42
N GLY A 157 -17.82 -4.09 -3.43
CA GLY A 157 -18.25 -4.57 -4.73
C GLY A 157 -19.73 -4.92 -4.77
N ASN A 158 -20.45 -4.50 -3.72
CA ASN A 158 -21.88 -4.74 -3.62
C ASN A 158 -22.67 -3.85 -4.56
N LEU A 159 -23.68 -4.42 -5.20
CA LEU A 159 -24.59 -3.62 -6.02
C LEU A 159 -25.65 -2.96 -5.16
N TYR A 160 -26.00 -1.74 -5.55
CA TYR A 160 -27.01 -0.94 -4.88
C TYR A 160 -28.01 -0.46 -5.91
N ILE A 161 -29.30 -0.66 -5.61
CA ILE A 161 -30.37 0.02 -6.33
C ILE A 161 -31.12 0.88 -5.31
N ALA A 162 -31.32 2.15 -5.63
CA ALA A 162 -32.02 3.07 -4.73
C ALA A 162 -33.54 2.89 -4.80
N ARG A 163 -34.03 2.43 -5.95
CA ARG A 163 -35.46 2.13 -6.15
C ARG A 163 -35.60 1.10 -7.27
N THR A 164 -36.32 0.02 -6.99
CA THR A 164 -36.51 -1.08 -7.95
C THR A 164 -37.70 -0.87 -8.89
N ASN A 165 -37.62 -1.53 -10.05
CA ASN A 165 -38.59 -1.36 -11.13
C ASN A 165 -39.16 -2.69 -11.61
N ALA A 166 -39.77 -2.64 -12.79
CA ALA A 166 -40.13 -3.85 -13.53
C ALA A 166 -38.97 -4.24 -14.45
N SER A 167 -38.04 -3.31 -14.64
CA SER A 167 -36.88 -3.51 -15.51
C SER A 167 -35.74 -4.23 -14.80
N ASP A 168 -35.75 -4.20 -13.47
CA ASP A 168 -34.69 -4.80 -12.66
C ASP A 168 -34.89 -6.30 -12.41
N LEU A 169 -35.95 -6.88 -12.96
CA LEU A 169 -36.27 -8.29 -12.77
C LEU A 169 -35.38 -9.17 -13.65
N GLY A 170 -34.63 -10.05 -13.00
CA GLY A 170 -33.68 -10.92 -13.70
C GLY A 170 -32.69 -11.52 -12.72
N ASN A 171 -31.61 -12.07 -13.26
CA ASN A 171 -30.58 -12.69 -12.43
C ASN A 171 -29.26 -11.94 -12.46
N TYR A 172 -28.58 -11.88 -11.31
CA TYR A 172 -27.44 -11.00 -11.12
C TYR A 172 -26.17 -11.72 -10.69
N SER A 173 -25.04 -11.25 -11.22
CA SER A 173 -23.72 -11.82 -10.94
C SER A 173 -22.67 -10.74 -10.77
N CYS A 174 -21.79 -10.92 -9.78
CA CYS A 174 -20.72 -9.98 -9.52
C CYS A 174 -19.47 -10.38 -10.30
N LEU A 175 -18.93 -9.42 -11.05
CA LEU A 175 -17.70 -9.62 -11.81
C LEU A 175 -16.57 -8.86 -11.16
N ALA A 176 -15.64 -9.60 -10.58
CA ALA A 176 -14.44 -9.02 -9.98
C ALA A 176 -13.28 -9.11 -10.97
N THR A 177 -12.54 -8.01 -11.10
CA THR A 177 -11.38 -7.96 -12.00
C THR A 177 -10.14 -7.52 -11.26
N SER A 178 -9.06 -8.28 -11.43
CA SER A 178 -7.76 -7.88 -10.90
C SER A 178 -6.83 -7.37 -11.99
N HIS A 179 -6.30 -6.18 -11.77
CA HIS A 179 -5.28 -5.58 -12.64
C HIS A 179 -3.92 -5.69 -11.98
N MET A 180 -3.01 -6.43 -12.61
CA MET A 180 -1.61 -6.40 -12.18
C MET A 180 -0.63 -6.25 -13.35
N ASP A 181 0.68 -6.24 -13.06
CA ASP A 181 1.69 -5.77 -14.02
C ASP A 181 1.63 -6.33 -15.44
N PHE A 182 1.43 -7.64 -15.54
CA PHE A 182 1.47 -8.33 -16.83
C PHE A 182 0.22 -9.16 -17.09
N SER A 183 -0.87 -8.83 -16.39
CA SER A 183 -2.10 -9.62 -16.45
C SER A 183 -3.33 -8.97 -15.80
N THR A 184 -4.43 -8.93 -16.55
CA THR A 184 -5.76 -8.66 -15.99
C THR A 184 -6.44 -10.01 -15.86
N LYS A 185 -7.25 -10.15 -14.83
CA LYS A 185 -8.06 -11.35 -14.68
C LYS A 185 -9.42 -11.00 -14.12
N SER A 186 -10.47 -11.38 -14.85
CA SER A 186 -11.83 -11.15 -14.40
C SER A 186 -12.48 -12.47 -14.03
N VAL A 187 -13.03 -12.53 -12.81
CA VAL A 187 -13.83 -13.67 -12.37
C VAL A 187 -15.24 -13.22 -11.99
N PHE A 188 -16.23 -14.05 -12.31
CA PHE A 188 -17.60 -13.73 -11.92
C PHE A 188 -18.37 -14.90 -11.30
N SER A 189 -19.46 -14.55 -10.61
CA SER A 189 -20.19 -15.47 -9.73
C SER A 189 -21.35 -16.21 -10.38
N LYS A 190 -21.90 -17.16 -9.62
CA LYS A 190 -23.20 -17.74 -9.92
C LYS A 190 -24.26 -16.64 -9.85
N PHE A 191 -25.33 -16.82 -10.62
CA PHE A 191 -26.36 -15.80 -10.75
C PHE A 191 -27.43 -15.86 -9.67
N ALA A 192 -27.46 -14.82 -8.82
CA ALA A 192 -28.46 -14.67 -7.77
C ALA A 192 -29.77 -14.22 -8.39
N GLN A 193 -30.87 -14.78 -7.89
CA GLN A 193 -32.19 -14.37 -8.34
C GLN A 193 -32.76 -13.24 -7.47
N LEU A 194 -33.03 -12.11 -8.14
CA LEU A 194 -33.68 -10.99 -7.48
C LEU A 194 -35.18 -11.09 -7.67
N ASN A 195 -35.87 -11.48 -6.62
CA ASN A 195 -37.33 -11.59 -6.64
C ASN A 195 -37.94 -10.28 -6.17
N LEU A 196 -38.93 -9.79 -6.89
CA LEU A 196 -39.57 -8.52 -6.53
C LEU A 196 -41.04 -8.67 -6.22
N ALA A 197 -41.35 -8.71 -4.92
CA ALA A 197 -42.72 -8.87 -4.44
C ALA A 197 -43.54 -7.60 -4.63
N ALA A 198 -44.75 -7.60 -4.05
CA ALA A 198 -45.72 -6.51 -4.17
C ALA A 198 -45.12 -5.10 -4.08
N GLU A 199 -45.53 -4.25 -5.02
CA GLU A 199 -45.04 -2.87 -5.12
C GLU A 199 -45.44 -2.04 -3.90
N ASP A 200 -44.45 -1.39 -3.31
CA ASP A 200 -44.69 -0.40 -2.27
C ASP A 200 -45.03 0.93 -2.96
N THR A 201 -46.09 1.59 -2.49
CA THR A 201 -46.52 2.83 -3.12
C THR A 201 -45.89 4.04 -2.43
N ARG A 202 -45.45 3.84 -1.19
CA ARG A 202 -44.95 4.91 -0.32
C ARG A 202 -43.64 5.56 -0.77
N LEU A 203 -43.33 6.71 -0.16
CA LEU A 203 -42.11 7.46 -0.43
C LEU A 203 -41.22 7.46 0.81
N PHE A 204 -39.91 7.44 0.59
CA PHE A 204 -38.93 7.40 1.68
C PHE A 204 -37.85 8.46 1.50
N ALA A 205 -37.63 9.26 2.55
CA ALA A 205 -36.48 10.16 2.63
C ALA A 205 -35.22 9.30 2.54
N PRO A 206 -34.16 9.81 1.87
CA PRO A 206 -33.03 8.93 1.56
C PRO A 206 -32.30 8.43 2.79
N SER A 207 -31.89 7.17 2.77
CA SER A 207 -30.98 6.64 3.78
C SER A 207 -29.70 6.20 3.08
N ILE A 208 -28.58 6.79 3.49
CA ILE A 208 -27.26 6.39 2.96
C ILE A 208 -26.87 5.05 3.55
N LYS A 209 -26.52 4.10 2.69
CA LYS A 209 -26.19 2.75 3.13
C LYS A 209 -24.82 2.33 2.59
N ALA A 210 -24.26 3.18 1.74
CA ALA A 210 -22.90 3.04 1.27
C ALA A 210 -22.12 4.28 1.69
N ARG A 211 -21.48 4.21 2.84
CA ARG A 211 -20.76 5.36 3.40
C ARG A 211 -19.28 5.33 3.02
N PHE A 212 -18.55 6.33 3.49
CA PHE A 212 -17.11 6.38 3.37
C PHE A 212 -16.53 6.67 4.75
N PRO A 213 -15.35 6.12 5.05
CA PRO A 213 -14.79 6.11 6.41
C PRO A 213 -14.82 7.44 7.15
N ALA A 214 -14.88 7.35 8.47
CA ALA A 214 -14.77 8.51 9.35
C ALA A 214 -13.51 9.31 9.01
N GLU A 215 -12.40 8.60 8.82
CA GLU A 215 -11.15 9.21 8.38
C GLU A 215 -10.53 8.39 7.26
N THR A 216 -9.98 9.10 6.28
CA THR A 216 -9.31 8.45 5.14
C THR A 216 -7.88 8.94 5.05
N TYR A 217 -6.94 8.00 5.04
CA TYR A 217 -5.52 8.32 5.02
C TYR A 217 -4.92 8.08 3.64
N ALA A 218 -4.34 9.13 3.07
CA ALA A 218 -3.77 9.07 1.73
C ALA A 218 -2.48 9.87 1.62
N LEU A 219 -1.59 9.43 0.72
CA LEU A 219 -0.34 10.15 0.45
C LEU A 219 -0.53 11.22 -0.62
N VAL A 220 0.37 12.21 -0.63
CA VAL A 220 0.41 13.22 -1.70
C VAL A 220 0.57 12.52 -3.05
N GLY A 221 -0.32 12.86 -3.98
CA GLY A 221 -0.27 12.29 -5.32
C GLY A 221 -1.20 11.11 -5.55
N GLN A 222 -1.62 10.46 -4.46
CA GLN A 222 -2.56 9.34 -4.56
C GLN A 222 -3.90 9.77 -5.14
N GLN A 223 -4.54 8.86 -5.87
CA GLN A 223 -5.94 9.03 -6.21
C GLN A 223 -6.77 8.75 -4.96
N VAL A 224 -7.87 9.49 -4.79
CA VAL A 224 -8.74 9.32 -3.63
C VAL A 224 -10.20 9.25 -4.06
N THR A 225 -10.90 8.21 -3.60
CA THR A 225 -12.28 7.98 -3.98
C THR A 225 -13.14 7.72 -2.74
N LEU A 226 -13.97 8.70 -2.37
CA LEU A 226 -14.95 8.52 -1.31
C LEU A 226 -16.29 8.10 -1.92
N GLU A 227 -16.86 7.02 -1.40
CA GLU A 227 -18.14 6.53 -1.90
C GLU A 227 -19.31 7.00 -1.04
N CYS A 228 -20.39 7.39 -1.70
CA CYS A 228 -21.63 7.76 -1.01
C CYS A 228 -22.87 7.54 -1.87
N PHE A 229 -23.58 6.45 -1.59
CA PHE A 229 -24.82 6.12 -2.30
C PHE A 229 -25.95 5.75 -1.33
N ALA A 230 -27.17 6.16 -1.67
CA ALA A 230 -28.30 6.11 -0.75
C ALA A 230 -29.55 5.45 -1.31
N PHE A 231 -30.21 4.67 -0.46
CA PHE A 231 -31.57 4.17 -0.71
C PHE A 231 -32.52 5.34 -0.63
N GLY A 232 -33.53 5.36 -1.50
CA GLY A 232 -34.56 6.39 -1.42
C GLY A 232 -35.60 6.38 -2.53
N ASN A 233 -36.72 7.05 -2.26
CA ASN A 233 -37.79 7.24 -3.24
C ASN A 233 -38.40 8.65 -3.08
N PRO A 234 -38.38 9.47 -4.15
CA PRO A 234 -37.82 9.16 -5.48
C PRO A 234 -36.30 9.08 -5.47
N VAL A 235 -35.73 8.52 -6.55
CA VAL A 235 -34.29 8.27 -6.65
C VAL A 235 -33.47 9.47 -6.21
N PRO A 236 -32.77 9.35 -5.06
CA PRO A 236 -31.98 10.44 -4.46
C PRO A 236 -30.84 10.96 -5.34
N ARG A 237 -30.45 12.21 -5.11
CA ARG A 237 -29.35 12.85 -5.86
C ARG A 237 -28.19 13.12 -4.94
N ILE A 238 -27.00 12.70 -5.37
CA ILE A 238 -25.79 12.81 -4.55
C ILE A 238 -25.12 14.16 -4.72
N LYS A 239 -24.89 14.83 -3.60
CA LYS A 239 -24.27 16.16 -3.56
C LYS A 239 -23.08 16.11 -2.63
N TRP A 240 -21.99 16.75 -3.05
CA TRP A 240 -20.75 16.77 -2.27
C TRP A 240 -20.29 18.17 -1.94
N ARG A 241 -19.66 18.33 -0.77
CA ARG A 241 -19.00 19.59 -0.40
C ARG A 241 -17.88 19.41 0.63
N LYS A 242 -17.04 20.43 0.72
CA LYS A 242 -15.99 20.50 1.73
C LYS A 242 -16.45 21.38 2.90
N VAL A 243 -16.24 20.89 4.12
CA VAL A 243 -16.60 21.64 5.33
C VAL A 243 -15.39 22.45 5.81
N ALA A 254 -21.65 15.81 -8.83
CA ALA A 254 -22.98 15.26 -8.59
C ALA A 254 -23.06 13.75 -8.86
N GLU A 255 -21.93 13.07 -8.69
CA GLU A 255 -21.86 11.61 -8.78
C GLU A 255 -21.78 10.99 -7.39
N PRO A 256 -22.09 9.69 -7.27
CA PRO A 256 -22.04 9.04 -5.95
C PRO A 256 -20.61 8.86 -5.41
N THR A 257 -19.61 8.97 -6.28
CA THR A 257 -18.21 8.89 -5.87
C THR A 257 -17.43 10.15 -6.25
N LEU A 258 -16.77 10.74 -5.26
CA LEU A 258 -15.92 11.91 -5.46
C LEU A 258 -14.48 11.44 -5.70
N GLN A 259 -13.97 11.70 -6.90
CA GLN A 259 -12.61 11.32 -7.27
C GLN A 259 -11.65 12.49 -7.08
N ILE A 260 -10.51 12.23 -6.46
CA ILE A 260 -9.44 13.22 -6.35
C ILE A 260 -8.24 12.70 -7.12
N PRO A 261 -8.12 13.10 -8.40
CA PRO A 261 -6.95 12.73 -9.19
C PRO A 261 -5.74 13.49 -8.68
N SER A 262 -4.91 12.81 -7.88
CA SER A 262 -3.75 13.40 -7.21
C SER A 262 -4.12 14.42 -6.13
N VAL A 263 -3.74 14.10 -4.90
CA VAL A 263 -4.01 14.95 -3.75
C VAL A 263 -2.80 15.83 -3.42
N SER A 264 -3.05 17.11 -3.16
CA SER A 264 -2.06 17.97 -2.51
C SER A 264 -2.51 18.18 -1.06
N PHE A 265 -1.73 18.92 -0.28
CA PHE A 265 -2.03 19.08 1.13
C PHE A 265 -3.27 19.93 1.40
N GLU A 266 -3.62 20.78 0.42
CA GLU A 266 -4.83 21.61 0.50
C GLU A 266 -6.14 20.82 0.61
N ASP A 267 -6.18 19.63 0.01
CA ASP A 267 -7.39 18.81 -0.03
C ASP A 267 -7.72 18.13 1.30
N GLU A 268 -6.97 18.46 2.36
CA GLU A 268 -7.27 17.96 3.69
C GLU A 268 -8.49 18.69 4.26
N GLY A 269 -9.25 17.99 5.11
CA GLY A 269 -10.42 18.59 5.75
C GLY A 269 -11.63 17.69 5.73
N THR A 270 -12.73 18.18 6.31
CA THR A 270 -13.97 17.42 6.39
C THR A 270 -14.77 17.57 5.09
N TYR A 271 -15.17 16.43 4.54
CA TYR A 271 -16.00 16.39 3.34
C TYR A 271 -17.38 15.88 3.71
N GLU A 272 -18.40 16.41 3.04
CA GLU A 272 -19.78 16.09 3.35
C GLU A 272 -20.54 15.61 2.12
N CYS A 273 -21.23 14.48 2.27
CA CYS A 273 -22.07 13.94 1.22
C CYS A 273 -23.55 14.11 1.57
N GLU A 274 -24.31 14.60 0.61
CA GLU A 274 -25.73 14.81 0.80
C GLU A 274 -26.54 13.93 -0.13
N ALA A 275 -27.20 12.94 0.45
CA ALA A 275 -28.25 12.22 -0.23
C ALA A 275 -29.51 13.00 0.05
N GLU A 276 -30.18 13.42 -1.01
CA GLU A 276 -31.37 14.26 -0.89
C GLU A 276 -32.33 14.02 -2.05
N ASN A 277 -33.42 13.32 -1.76
CA ASN A 277 -34.55 13.31 -2.68
C ASN A 277 -35.51 14.40 -2.23
N SER A 278 -36.71 14.42 -2.78
CA SER A 278 -37.65 15.49 -2.47
C SER A 278 -38.29 15.39 -1.09
N LYS A 279 -38.13 14.23 -0.44
CA LYS A 279 -38.74 13.98 0.87
C LYS A 279 -37.83 14.23 2.07
N GLY A 280 -36.53 14.40 1.82
CA GLY A 280 -35.58 14.66 2.90
C GLY A 280 -34.13 14.53 2.48
N ARG A 281 -33.23 14.75 3.44
CA ARG A 281 -31.80 14.61 3.17
C ARG A 281 -31.01 13.88 4.26
N ASP A 282 -30.34 12.81 3.85
CA ASP A 282 -29.37 12.10 4.69
C ASP A 282 -27.99 12.64 4.32
N THR A 283 -27.18 12.91 5.34
CA THR A 283 -25.84 13.45 5.13
C THR A 283 -24.80 12.59 5.86
N VAL A 284 -23.58 12.58 5.36
CA VAL A 284 -22.49 11.84 5.98
C VAL A 284 -21.16 12.59 5.83
N GLN A 285 -20.43 12.70 6.93
CA GLN A 285 -19.19 13.44 6.96
C GLN A 285 -18.00 12.55 7.28
N GLY A 286 -16.92 12.73 6.51
CA GLY A 286 -15.65 12.06 6.76
C GLY A 286 -14.53 13.07 6.60
N ARG A 287 -13.35 12.73 7.12
CA ARG A 287 -12.20 13.64 7.06
C ARG A 287 -11.04 13.02 6.29
N ILE A 288 -10.52 13.77 5.31
CA ILE A 288 -9.34 13.35 4.56
C ILE A 288 -8.10 13.90 5.27
N ILE A 289 -7.15 13.02 5.55
CA ILE A 289 -5.84 13.42 6.08
C ILE A 289 -4.83 13.21 4.95
N VAL A 290 -4.07 14.26 4.62
CA VAL A 290 -3.04 14.15 3.59
C VAL A 290 -1.65 13.93 4.21
N GLN A 291 -1.05 12.79 3.90
CA GLN A 291 0.25 12.38 4.45
C GLN A 291 1.31 12.43 3.35
N ALA A 292 2.57 12.22 3.72
CA ALA A 292 3.68 12.20 2.77
C ALA A 292 4.80 11.30 3.24
N GLN A 293 5.50 10.70 2.27
CA GLN A 293 6.65 9.84 2.54
C GLN A 293 7.84 10.63 3.06
N PRO A 294 8.70 9.99 3.87
CA PRO A 294 9.97 10.63 4.22
C PRO A 294 10.84 10.78 2.97
N GLU A 295 11.27 12.00 2.68
CA GLU A 295 12.26 12.25 1.62
C GLU A 295 13.43 13.10 2.13
N TRP A 296 14.63 12.75 1.68
CA TRP A 296 15.87 13.33 2.19
C TRP A 296 16.05 14.82 1.86
N LEU A 297 16.01 15.66 2.90
CA LEU A 297 16.30 17.08 2.76
C LEU A 297 17.80 17.36 2.84
N LYS A 298 18.48 16.72 3.80
CA LYS A 298 19.93 16.82 3.92
C LYS A 298 20.54 15.51 4.40
N VAL A 299 21.68 15.13 3.83
CA VAL A 299 22.33 13.85 4.13
C VAL A 299 23.85 13.98 4.33
N ILE A 300 24.39 13.04 5.10
CA ILE A 300 25.83 12.95 5.39
C ILE A 300 26.64 12.57 4.13
N SER A 301 27.90 12.99 4.09
CA SER A 301 28.77 12.68 2.95
C SER A 301 30.06 12.02 3.43
N ASP A 302 30.73 11.32 2.51
CA ASP A 302 32.03 10.71 2.82
C ASP A 302 32.97 11.76 3.37
N THR A 303 33.27 11.66 4.66
CA THR A 303 34.12 12.65 5.30
C THR A 303 35.50 12.06 5.59
N GLU A 304 36.52 12.89 5.30
CA GLU A 304 37.90 12.56 5.58
C GLU A 304 38.32 13.48 6.72
N ALA A 305 38.65 12.89 7.88
CA ALA A 305 38.92 13.67 9.08
C ALA A 305 40.25 13.32 9.74
N ASP A 306 40.88 14.32 10.35
CA ASP A 306 42.09 14.10 11.15
C ASP A 306 41.76 13.41 12.47
N ILE A 307 42.76 12.73 13.04
CA ILE A 307 42.60 12.04 14.32
C ILE A 307 42.56 13.04 15.47
N GLY A 308 41.58 12.87 16.36
CA GLY A 308 41.38 13.78 17.49
C GLY A 308 40.48 14.96 17.16
N SER A 309 40.12 15.09 15.88
CA SER A 309 39.22 16.16 15.42
C SER A 309 37.78 15.90 15.82
N ASN A 310 36.92 16.90 15.55
CA ASN A 310 35.50 16.75 15.81
C ASN A 310 34.67 16.72 14.52
N LEU A 311 33.48 16.12 14.59
CA LEU A 311 32.57 16.14 13.46
C LEU A 311 31.11 16.40 13.82
N ARG A 312 30.52 17.35 13.09
CA ARG A 312 29.10 17.62 13.14
C ARG A 312 28.49 16.97 11.91
N TRP A 313 27.81 15.84 12.12
CA TRP A 313 27.07 15.17 11.05
C TRP A 313 25.56 15.32 11.23
N GLY A 314 24.83 15.41 10.13
CA GLY A 314 23.39 15.63 10.20
C GLY A 314 22.56 15.07 9.07
N CYS A 315 21.31 14.75 9.39
CA CYS A 315 20.30 14.38 8.41
C CYS A 315 18.95 14.99 8.81
N ALA A 316 18.11 15.27 7.81
CA ALA A 316 16.75 15.75 8.04
C ALA A 316 15.83 15.27 6.92
N ALA A 317 14.57 15.01 7.25
CA ALA A 317 13.62 14.47 6.28
C ALA A 317 12.22 15.12 6.35
N ALA A 318 11.59 15.22 5.18
CA ALA A 318 10.25 15.78 5.08
C ALA A 318 9.18 14.71 5.21
N GLY A 319 7.92 15.11 5.03
CA GLY A 319 6.82 14.17 5.04
C GLY A 319 6.00 14.19 6.30
N LYS A 320 4.70 13.93 6.17
CA LYS A 320 3.76 13.85 7.28
C LYS A 320 3.48 12.37 7.62
N PRO A 321 3.58 12.00 8.92
CA PRO A 321 4.00 12.86 10.03
C PRO A 321 5.51 13.05 9.98
N ARG A 322 6.02 14.03 10.72
CA ARG A 322 7.44 14.31 10.75
C ARG A 322 8.17 13.02 11.15
N PRO A 323 9.02 12.48 10.25
CA PRO A 323 9.63 11.18 10.49
C PRO A 323 10.68 11.20 11.60
N THR A 324 11.01 10.02 12.10
CA THR A 324 12.01 9.86 13.16
C THR A 324 13.34 9.45 12.56
N VAL A 325 14.38 10.24 12.85
CA VAL A 325 15.74 9.93 12.39
C VAL A 325 16.47 9.00 13.37
N ARG A 326 16.70 7.77 12.93
CA ARG A 326 17.53 6.79 13.63
C ARG A 326 18.99 6.97 13.20
N TRP A 327 19.87 6.13 13.74
CA TRP A 327 21.27 6.07 13.31
C TRP A 327 21.80 4.64 13.32
N LEU A 328 22.60 4.32 12.30
CA LEU A 328 23.21 2.99 12.18
C LEU A 328 24.73 3.07 12.01
N ARG A 329 25.45 2.21 12.73
CA ARG A 329 26.87 2.01 12.47
C ARG A 329 27.12 0.56 12.08
N ASN A 330 27.64 0.39 10.86
CA ASN A 330 27.79 -0.93 10.25
C ASN A 330 26.50 -1.74 10.32
N GLY A 331 25.39 -1.08 10.01
CA GLY A 331 24.08 -1.71 10.04
C GLY A 331 23.71 -2.21 11.42
N GLU A 332 23.94 -1.38 12.43
CA GLU A 332 23.57 -1.71 13.81
C GLU A 332 23.03 -0.49 14.56
N PRO A 333 21.82 -0.63 15.16
CA PRO A 333 21.15 0.48 15.84
C PRO A 333 22.11 1.20 16.78
N LEU A 334 22.43 2.44 16.44
CA LEU A 334 23.34 3.25 17.26
C LEU A 334 22.55 4.14 18.22
N ALA A 335 22.90 4.05 19.50
CA ALA A 335 22.43 4.99 20.51
C ALA A 335 23.64 5.68 21.12
N SER A 336 23.41 6.85 21.73
CA SER A 336 24.50 7.67 22.30
C SER A 336 25.41 6.89 23.26
N GLN A 337 26.71 7.00 23.05
CA GLN A 337 27.70 6.28 23.88
C GLN A 337 28.97 7.12 24.11
N ASN A 338 29.76 6.71 25.10
CA ASN A 338 30.91 7.48 25.60
C ASN A 338 31.52 8.54 24.66
N ARG A 339 32.03 8.08 23.52
CA ARG A 339 32.65 8.97 22.52
C ARG A 339 31.63 9.76 21.70
N VAL A 340 30.52 9.12 21.36
CA VAL A 340 29.58 9.64 20.38
C VAL A 340 28.32 10.22 21.03
N GLU A 341 27.90 11.39 20.54
CA GLU A 341 26.67 12.06 20.98
C GLU A 341 25.57 11.89 19.92
N VAL A 342 24.35 11.57 20.37
CA VAL A 342 23.21 11.38 19.47
C VAL A 342 22.00 12.25 19.85
N LEU A 343 21.53 13.02 18.88
CA LEU A 343 20.32 13.84 19.02
C LEU A 343 19.53 13.69 17.73
N ALA A 344 18.22 13.43 17.86
CA ALA A 344 17.33 13.25 16.71
C ALA A 344 18.11 12.91 15.44
N GLY A 345 18.40 13.92 14.62
CA GLY A 345 19.19 13.72 13.40
C GLY A 345 20.55 14.38 13.45
N ASP A 346 21.29 14.15 14.54
CA ASP A 346 22.62 14.73 14.75
C ASP A 346 23.63 13.75 15.33
N LEU A 347 24.76 13.64 14.64
CA LEU A 347 25.86 12.79 15.08
C LEU A 347 27.07 13.66 15.38
N ARG A 348 27.33 13.83 16.67
CA ARG A 348 28.43 14.67 17.15
C ARG A 348 29.52 13.80 17.76
N PHE A 349 30.68 13.79 17.10
CA PHE A 349 31.83 13.05 17.60
C PHE A 349 32.68 13.91 18.53
N SER A 350 32.60 13.60 19.81
CA SER A 350 33.41 14.28 20.82
C SER A 350 34.83 13.70 20.79
N LYS A 351 35.64 14.22 19.87
CA LYS A 351 37.05 13.84 19.68
C LYS A 351 37.27 12.41 19.16
N LEU A 352 37.75 12.35 17.90
CA LEU A 352 37.76 11.12 17.10
C LEU A 352 38.87 10.12 17.41
N SER A 353 38.50 8.83 17.43
CA SER A 353 39.44 7.72 17.51
C SER A 353 39.51 7.02 16.16
N LEU A 354 40.39 6.03 16.03
CA LEU A 354 40.42 5.19 14.83
C LEU A 354 39.26 4.21 14.81
N GLU A 355 38.75 3.86 15.98
CA GLU A 355 37.57 3.00 16.13
C GLU A 355 36.30 3.72 15.69
N ASP A 356 36.47 4.79 14.91
CA ASP A 356 35.35 5.53 14.34
C ASP A 356 35.36 5.36 12.81
N SER A 357 36.51 4.95 12.27
CA SER A 357 36.67 4.76 10.83
C SER A 357 35.80 3.62 10.31
N GLY A 358 34.54 3.94 9.99
CA GLY A 358 33.61 2.94 9.50
C GLY A 358 32.47 3.55 8.73
N MET A 359 31.48 2.72 8.38
CA MET A 359 30.28 3.15 7.68
C MET A 359 29.20 3.58 8.65
N TYR A 360 28.53 4.68 8.33
CA TYR A 360 27.44 5.18 9.14
C TYR A 360 26.23 5.48 8.26
N GLN A 361 25.05 5.36 8.84
CA GLN A 361 23.81 5.64 8.12
C GLN A 361 22.79 6.32 9.01
N CYS A 362 21.99 7.20 8.41
CA CYS A 362 20.84 7.79 9.10
C CYS A 362 19.55 7.21 8.52
N VAL A 363 18.57 7.00 9.38
CA VAL A 363 17.36 6.27 9.03
C VAL A 363 16.09 7.05 9.44
N ALA A 364 15.46 7.71 8.48
CA ALA A 364 14.23 8.45 8.74
C ALA A 364 13.00 7.60 8.46
N GLU A 365 12.01 7.66 9.34
CA GLU A 365 10.82 6.79 9.24
C GLU A 365 9.58 7.28 9.98
N ASN A 366 8.42 7.01 9.36
CA ASN A 366 7.11 7.28 9.94
C ASN A 366 6.21 6.06 9.75
N LYS A 367 4.89 6.28 9.67
CA LYS A 367 3.94 5.20 9.41
C LYS A 367 3.98 4.74 7.95
N HIS A 368 4.47 5.61 7.07
CA HIS A 368 4.38 5.37 5.63
C HIS A 368 5.63 4.80 4.96
N GLY A 369 6.81 5.11 5.51
CA GLY A 369 8.05 4.60 4.92
C GLY A 369 9.32 4.81 5.71
N THR A 370 10.38 4.16 5.24
CA THR A 370 11.71 4.24 5.83
C THR A 370 12.76 4.43 4.73
N ILE A 371 13.48 5.54 4.78
CA ILE A 371 14.53 5.83 3.81
C ILE A 371 15.91 5.81 4.44
N TYR A 372 16.94 5.59 3.62
CA TYR A 372 18.31 5.42 4.11
C TYR A 372 19.31 6.32 3.40
N ALA A 373 20.30 6.81 4.16
CA ALA A 373 21.40 7.60 3.61
C ALA A 373 22.70 7.26 4.33
N SER A 374 23.73 6.96 3.55
CA SER A 374 24.99 6.41 4.07
C SER A 374 26.22 7.16 3.61
N ALA A 375 27.30 7.05 4.40
CA ALA A 375 28.60 7.68 4.12
C ALA A 375 29.73 6.96 4.86
N GLU A 376 30.96 7.13 4.39
CA GLU A 376 32.14 6.54 5.04
C GLU A 376 32.92 7.58 5.83
N LEU A 377 33.30 7.20 7.05
CA LEU A 377 34.20 8.00 7.86
C LEU A 377 35.61 7.39 7.80
N ALA A 378 36.61 8.23 7.58
CA ALA A 378 37.99 7.79 7.48
C ALA A 378 38.91 8.65 8.34
N VAL A 379 39.19 8.18 9.55
CA VAL A 379 40.02 8.90 10.50
C VAL A 379 41.49 8.68 10.13
N GLN A 380 42.23 9.78 9.99
CA GLN A 380 43.60 9.74 9.48
C GLN A 380 44.59 10.47 10.40
N ALA A 381 45.86 10.07 10.33
CA ALA A 381 46.93 10.69 11.13
C ALA A 381 47.84 11.54 10.25
#